data_8X4I
#
_entry.id   8X4I
#
_cell.length_a   124.920
_cell.length_b   124.920
_cell.length_c   36.810
_cell.angle_alpha   90.00
_cell.angle_beta   90.00
_cell.angle_gamma   120.00
#
_symmetry.space_group_name_H-M   'P 6'
#
loop_
_entity.id
_entity.type
_entity.pdbx_description
1 polymer 'Probable ribosomal RNA small subunit methyltransferase A'
2 non-polymer "5'-DEOXY-5'-METHYLTHIOADENOSINE"
3 non-polymer 'ZINC ION'
4 water water
#
_entity_poly.entity_id   1
_entity_poly.type   'polypeptide(L)'
_entity_poly.pdbx_seq_one_letter_code
;MSSRIRINTKSLLVQPGYSGSKMRDRLFFLLSKYGIRPRDSIGQHFLIIEDVIEKAIETANVNENDVILEVGPGLGFLTD
ELAKRAKKVYTIEIDQKIIEILKKEYSWNNVKIIQGAAVRVEWPKFNKVVSNIPYKISSPFTFKLLKTDFERAVVMYQLE
FALRMVAKPGSRNYSRLSLMAQALGNVEIVMKIGKGAFYPRPKVDSALVLIEPRKDKIVLNENLVKALFQHRRKTVPRAL
KDSIHMLGVSKDEIRGIINNVPHSNKRVFQLYPEEVKDIEEYLKKHGIIS
;
_entity_poly.pdbx_strand_id   A
#
loop_
_chem_comp.id
_chem_comp.type
_chem_comp.name
_chem_comp.formula
MTA non-polymer 5'-DEOXY-5'-METHYLTHIOADENOSINE 'C11 H15 N5 O3 S'
ZN non-polymer 'ZINC ION' 'Zn 2'
#
# COMPACT_ATOMS: atom_id res chain seq x y z
N LYS A 22 -22.93 -4.62 18.93
CA LYS A 22 -23.86 -5.42 18.08
C LYS A 22 -23.05 -6.29 17.12
N MET A 23 -22.31 -5.62 16.22
CA MET A 23 -21.40 -6.27 15.28
C MET A 23 -20.49 -7.22 16.04
N ARG A 24 -19.99 -6.76 17.19
CA ARG A 24 -19.29 -7.60 18.16
C ARG A 24 -19.90 -8.99 18.31
N ASP A 25 -21.22 -9.02 18.49
CA ASP A 25 -21.95 -10.23 18.83
C ASP A 25 -22.42 -10.86 17.52
N ARG A 26 -22.48 -10.07 16.44
CA ARG A 26 -22.98 -10.54 15.15
C ARG A 26 -21.90 -11.35 14.43
N LEU A 27 -20.64 -11.15 14.80
CA LEU A 27 -19.54 -11.97 14.33
C LEU A 27 -19.69 -13.38 14.89
N PHE A 28 -19.93 -13.45 16.21
CA PHE A 28 -19.80 -14.69 16.97
C PHE A 28 -20.89 -15.68 16.56
N PHE A 29 -21.99 -15.19 15.95
CA PHE A 29 -23.07 -16.04 15.48
C PHE A 29 -22.88 -16.39 13.99
N LEU A 30 -21.73 -15.99 13.42
CA LEU A 30 -21.30 -16.43 12.11
C LEU A 30 -20.00 -17.24 12.23
N LEU A 31 -19.34 -17.14 13.40
CA LEU A 31 -18.09 -17.84 13.67
C LEU A 31 -18.11 -19.36 13.64
N SER A 32 -18.97 -19.95 14.48
CA SER A 32 -19.07 -21.39 14.63
C SER A 32 -20.38 -21.77 13.95
N LYS A 33 -20.99 -20.81 13.25
CA LYS A 33 -22.06 -21.11 12.32
C LYS A 33 -21.49 -21.79 11.08
N TYR A 34 -20.25 -21.43 10.68
CA TYR A 34 -19.64 -21.96 9.47
C TYR A 34 -18.41 -22.80 9.80
N GLY A 35 -17.48 -22.24 10.59
CA GLY A 35 -16.40 -23.01 11.19
C GLY A 35 -15.10 -22.94 10.41
N ILE A 36 -14.37 -21.82 10.57
CA ILE A 36 -12.97 -21.69 10.20
C ILE A 36 -12.16 -21.46 11.47
N ARG A 37 -11.06 -22.21 11.63
CA ARG A 37 -9.98 -21.80 12.53
C ARG A 37 -9.30 -20.59 11.92
N PRO A 38 -9.37 -19.38 12.54
CA PRO A 38 -8.69 -18.20 11.99
C PRO A 38 -7.17 -18.32 12.04
N ARG A 39 -6.57 -18.65 10.89
CA ARG A 39 -5.13 -18.83 10.79
C ARG A 39 -4.44 -17.47 10.66
N ASP A 40 -3.27 -17.32 11.32
CA ASP A 40 -2.39 -16.19 11.07
C ASP A 40 -1.44 -16.56 9.92
N SER A 41 -1.75 -17.65 9.19
CA SER A 41 -1.06 -18.04 7.97
C SER A 41 -1.42 -17.10 6.83
N ILE A 42 -2.67 -16.60 6.85
CA ILE A 42 -3.17 -15.62 5.90
C ILE A 42 -3.65 -14.37 6.66
N GLY A 43 -2.98 -14.08 7.79
CA GLY A 43 -3.29 -12.94 8.65
C GLY A 43 -4.79 -12.80 8.93
N GLN A 44 -5.44 -13.90 9.35
CA GLN A 44 -6.84 -13.82 9.76
C GLN A 44 -6.90 -13.27 11.18
N HIS A 45 -7.03 -11.95 11.26
CA HIS A 45 -7.64 -11.31 12.41
C HIS A 45 -8.84 -10.57 11.81
N PHE A 46 -9.91 -10.35 12.60
CA PHE A 46 -11.18 -9.88 12.07
C PHE A 46 -11.71 -8.70 12.87
N LEU A 47 -12.04 -7.61 12.17
CA LEU A 47 -12.37 -6.34 12.80
C LEU A 47 -13.80 -6.40 13.35
N ILE A 48 -14.03 -5.75 14.51
CA ILE A 48 -15.33 -5.76 15.21
C ILE A 48 -15.74 -4.44 15.80
N ILE A 49 -15.10 -3.34 15.41
CA ILE A 49 -15.49 -1.99 15.93
C ILE A 49 -16.10 -1.16 14.76
N GLU A 50 -17.25 -0.55 15.07
CA GLU A 50 -18.05 0.16 14.07
C GLU A 50 -17.48 1.56 13.84
N ASP A 51 -16.94 2.17 14.90
CA ASP A 51 -16.37 3.51 14.84
C ASP A 51 -15.02 3.48 14.12
N VAL A 52 -14.63 2.31 13.59
CA VAL A 52 -13.45 2.16 12.76
C VAL A 52 -13.86 1.91 11.31
N ILE A 53 -15.04 1.33 11.08
CA ILE A 53 -15.54 1.27 9.71
C ILE A 53 -16.13 2.63 9.33
N GLU A 54 -16.71 3.32 10.31
CA GLU A 54 -17.34 4.62 10.08
C GLU A 54 -16.30 5.71 9.81
N LYS A 55 -15.01 5.43 10.06
CA LYS A 55 -13.95 6.42 9.83
C LYS A 55 -13.27 6.20 8.48
N ALA A 56 -13.19 4.95 8.03
CA ALA A 56 -12.63 4.66 6.71
C ALA A 56 -13.61 5.13 5.64
N ILE A 57 -14.86 4.65 5.73
CA ILE A 57 -15.89 4.92 4.75
C ILE A 57 -16.05 6.43 4.59
N GLU A 58 -15.97 7.14 5.72
CA GLU A 58 -15.95 8.59 5.75
C GLU A 58 -14.73 9.11 4.99
N THR A 59 -13.55 8.70 5.46
CA THR A 59 -12.27 9.17 4.94
C THR A 59 -12.25 9.05 3.42
N ALA A 60 -12.82 7.95 2.89
CA ALA A 60 -12.86 7.69 1.46
C ALA A 60 -13.92 8.56 0.80
N ASN A 61 -15.01 8.80 1.54
CA ASN A 61 -16.11 9.65 1.13
C ASN A 61 -16.79 8.96 -0.05
N VAL A 62 -17.25 7.73 0.18
CA VAL A 62 -17.69 6.83 -0.89
C VAL A 62 -19.10 7.24 -1.34
N ASN A 63 -19.20 7.72 -2.58
CA ASN A 63 -20.47 8.03 -3.21
C ASN A 63 -20.73 7.00 -4.31
N GLU A 64 -21.85 7.18 -5.03
CA GLU A 64 -22.42 6.12 -5.86
C GLU A 64 -21.89 6.17 -7.29
N ASN A 65 -20.77 6.87 -7.51
CA ASN A 65 -20.08 6.84 -8.79
C ASN A 65 -18.72 6.17 -8.59
N ASP A 66 -18.57 5.47 -7.47
CA ASP A 66 -17.29 4.91 -7.10
C ASP A 66 -17.23 3.43 -7.46
N VAL A 67 -16.22 3.12 -8.27
CA VAL A 67 -15.76 1.76 -8.51
C VAL A 67 -14.66 1.48 -7.48
N ILE A 68 -14.99 0.66 -6.47
CA ILE A 68 -14.15 0.43 -5.30
C ILE A 68 -13.31 -0.84 -5.52
N LEU A 69 -12.19 -0.95 -4.79
CA LEU A 69 -11.48 -2.20 -4.61
C LEU A 69 -11.32 -2.47 -3.12
N GLU A 70 -11.90 -3.60 -2.66
CA GLU A 70 -11.56 -4.19 -1.37
C GLU A 70 -10.65 -5.40 -1.60
N VAL A 71 -9.91 -5.81 -0.56
CA VAL A 71 -9.07 -6.99 -0.61
C VAL A 71 -9.14 -7.71 0.74
N GLY A 72 -9.33 -9.03 0.71
CA GLY A 72 -9.49 -9.81 1.92
C GLY A 72 -10.72 -9.34 2.70
N PRO A 73 -11.94 -9.44 2.10
CA PRO A 73 -13.17 -8.95 2.73
C PRO A 73 -13.53 -9.64 4.03
N GLY A 74 -13.18 -10.94 4.14
CA GLY A 74 -13.60 -11.74 5.28
C GLY A 74 -15.10 -12.01 5.22
N LEU A 75 -15.79 -11.67 6.32
CA LEU A 75 -17.20 -11.95 6.47
C LEU A 75 -17.90 -10.59 6.33
N GLY A 76 -17.13 -9.60 5.85
CA GLY A 76 -17.64 -8.47 5.09
C GLY A 76 -18.50 -7.35 5.65
N PHE A 77 -18.13 -6.82 6.82
CA PHE A 77 -18.89 -5.75 7.45
C PHE A 77 -18.53 -4.42 6.79
N LEU A 78 -17.24 -4.29 6.46
CA LEU A 78 -16.76 -3.17 5.66
C LEU A 78 -17.11 -3.41 4.20
N THR A 79 -17.20 -4.68 3.81
CA THR A 79 -17.72 -4.99 2.48
C THR A 79 -19.16 -4.47 2.43
N ASP A 80 -19.89 -4.66 3.55
CA ASP A 80 -21.32 -4.34 3.65
C ASP A 80 -21.55 -2.87 3.33
N GLU A 81 -20.84 -2.00 4.05
CA GLU A 81 -21.01 -0.56 3.92
C GLU A 81 -20.72 -0.13 2.48
N LEU A 82 -19.75 -0.81 1.83
CA LEU A 82 -19.37 -0.48 0.47
C LEU A 82 -20.55 -0.67 -0.48
N ALA A 83 -21.33 -1.74 -0.24
CA ALA A 83 -22.50 -2.03 -1.06
C ALA A 83 -23.49 -0.87 -0.99
N LYS A 84 -23.82 -0.42 0.23
CA LYS A 84 -24.87 0.56 0.44
C LYS A 84 -24.39 1.97 0.11
N ARG A 85 -23.25 2.10 -0.57
CA ARG A 85 -22.80 3.39 -1.10
C ARG A 85 -22.25 3.21 -2.51
N ALA A 86 -21.13 2.48 -2.63
CA ALA A 86 -20.36 2.49 -3.87
C ALA A 86 -21.21 2.05 -5.06
N LYS A 87 -20.78 2.48 -6.26
CA LYS A 87 -21.46 2.10 -7.49
C LYS A 87 -21.27 0.60 -7.73
N LYS A 88 -19.99 0.18 -7.85
CA LYS A 88 -19.61 -1.21 -8.02
C LYS A 88 -18.47 -1.53 -7.06
N VAL A 89 -18.59 -2.66 -6.35
CA VAL A 89 -17.54 -3.11 -5.45
C VAL A 89 -16.99 -4.42 -6.00
N TYR A 90 -15.72 -4.41 -6.43
CA TYR A 90 -14.98 -5.63 -6.64
C TYR A 90 -14.23 -5.96 -5.35
N THR A 91 -14.23 -7.25 -4.97
CA THR A 91 -13.51 -7.68 -3.79
C THR A 91 -12.79 -9.00 -4.10
N ILE A 92 -11.66 -9.22 -3.42
CA ILE A 92 -10.78 -10.35 -3.70
C ILE A 92 -10.50 -11.07 -2.38
N GLU A 93 -10.85 -12.37 -2.33
CA GLU A 93 -10.63 -13.21 -1.16
C GLU A 93 -9.95 -14.51 -1.63
N ILE A 94 -9.25 -15.18 -0.70
CA ILE A 94 -8.43 -16.35 -1.01
C ILE A 94 -8.82 -17.64 -0.27
N ASP A 95 -9.57 -17.52 0.84
CA ASP A 95 -10.00 -18.67 1.64
C ASP A 95 -11.32 -18.88 0.89
N GLN A 96 -11.41 -20.01 0.18
CA GLN A 96 -12.52 -20.25 -0.73
C GLN A 96 -13.75 -20.43 0.15
N LYS A 97 -13.53 -20.84 1.42
CA LYS A 97 -14.60 -20.96 2.40
C LYS A 97 -15.23 -19.60 2.67
N ILE A 98 -14.38 -18.60 2.97
CA ILE A 98 -14.84 -17.26 3.27
C ILE A 98 -15.66 -16.74 2.09
N ILE A 99 -15.11 -16.86 0.87
CA ILE A 99 -15.73 -16.39 -0.35
C ILE A 99 -17.22 -16.75 -0.38
N GLU A 100 -17.57 -17.93 0.16
CA GLU A 100 -18.93 -18.45 0.07
C GLU A 100 -19.77 -17.92 1.24
N ILE A 101 -19.18 -17.90 2.44
CA ILE A 101 -19.85 -17.45 3.65
C ILE A 101 -20.56 -16.12 3.41
N LEU A 102 -19.91 -15.26 2.60
CA LEU A 102 -20.47 -13.98 2.17
C LEU A 102 -21.84 -14.19 1.54
N LYS A 103 -21.90 -15.08 0.54
CA LYS A 103 -23.01 -15.14 -0.41
C LYS A 103 -24.30 -15.54 0.32
N LYS A 104 -24.18 -16.38 1.36
CA LYS A 104 -25.34 -16.83 2.12
C LYS A 104 -25.72 -15.77 3.17
N GLU A 105 -24.74 -15.39 3.99
CA GLU A 105 -24.95 -14.42 5.05
C GLU A 105 -25.39 -13.08 4.46
N TYR A 106 -24.91 -12.74 3.26
CA TYR A 106 -25.15 -11.42 2.68
C TYR A 106 -25.67 -11.54 1.26
N SER A 107 -26.82 -10.92 1.01
CA SER A 107 -27.31 -10.67 -0.32
C SER A 107 -26.93 -9.25 -0.73
N TRP A 108 -26.02 -9.14 -1.69
CA TRP A 108 -25.57 -7.86 -2.22
C TRP A 108 -25.95 -7.75 -3.68
N ASN A 109 -26.34 -6.52 -4.10
CA ASN A 109 -26.75 -6.25 -5.46
C ASN A 109 -25.59 -5.60 -6.24
N ASN A 110 -24.72 -4.84 -5.55
CA ASN A 110 -23.54 -4.27 -6.18
C ASN A 110 -22.29 -4.73 -5.42
N VAL A 111 -22.00 -6.04 -5.56
CA VAL A 111 -20.78 -6.69 -5.09
C VAL A 111 -20.26 -7.58 -6.22
N LYS A 112 -18.98 -7.96 -6.15
CA LYS A 112 -18.35 -8.78 -7.17
C LYS A 112 -17.11 -9.45 -6.59
N ILE A 113 -17.28 -10.69 -6.11
CA ILE A 113 -16.22 -11.40 -5.41
C ILE A 113 -15.38 -12.18 -6.43
N ILE A 114 -14.09 -12.37 -6.13
CA ILE A 114 -13.15 -13.07 -7.00
C ILE A 114 -12.38 -14.10 -6.15
N GLN A 115 -11.85 -15.15 -6.81
CA GLN A 115 -10.98 -16.12 -6.16
C GLN A 115 -9.53 -15.79 -6.51
N GLY A 116 -8.64 -15.92 -5.52
CA GLY A 116 -7.21 -15.74 -5.69
C GLY A 116 -6.64 -14.79 -4.65
N ALA A 117 -5.31 -14.60 -4.67
CA ALA A 117 -4.63 -13.64 -3.82
C ALA A 117 -4.40 -12.35 -4.61
N ALA A 118 -4.95 -11.22 -4.11
CA ALA A 118 -4.97 -9.95 -4.83
C ALA A 118 -3.59 -9.53 -5.33
N VAL A 119 -2.56 -10.18 -4.76
CA VAL A 119 -1.19 -10.20 -5.27
C VAL A 119 -0.96 -10.31 -6.79
N ARG A 120 -1.63 -11.29 -7.42
CA ARG A 120 -1.28 -11.77 -8.74
C ARG A 120 -2.53 -11.60 -9.61
N VAL A 121 -3.73 -11.66 -9.01
CA VAL A 121 -4.95 -11.67 -9.82
C VAL A 121 -5.03 -10.34 -10.56
N GLU A 122 -5.57 -10.39 -11.78
CA GLU A 122 -5.60 -9.24 -12.67
C GLU A 122 -6.76 -8.36 -12.23
N TRP A 123 -6.49 -7.06 -12.04
CA TRP A 123 -7.39 -6.20 -11.30
C TRP A 123 -8.41 -5.55 -12.23
N PRO A 124 -9.62 -5.25 -11.70
CA PRO A 124 -10.67 -4.61 -12.49
C PRO A 124 -10.35 -3.14 -12.66
N LYS A 125 -11.37 -2.35 -13.02
CA LYS A 125 -11.27 -0.90 -12.97
C LYS A 125 -11.73 -0.45 -11.57
N PHE A 126 -11.18 0.68 -11.13
CA PHE A 126 -11.44 1.21 -9.80
C PHE A 126 -10.92 2.64 -9.75
N ASN A 127 -11.66 3.52 -9.06
CA ASN A 127 -11.19 4.86 -8.82
C ASN A 127 -10.72 4.97 -7.37
N LYS A 128 -11.46 4.34 -6.44
CA LYS A 128 -11.06 4.36 -5.03
C LYS A 128 -10.72 2.95 -4.57
N VAL A 129 -10.04 2.87 -3.41
CA VAL A 129 -9.74 1.62 -2.73
C VAL A 129 -10.10 1.78 -1.25
N VAL A 130 -10.69 0.72 -0.68
CA VAL A 130 -10.95 0.67 0.75
C VAL A 130 -10.81 -0.79 1.18
N SER A 131 -9.88 -1.09 2.09
CA SER A 131 -9.55 -2.47 2.45
C SER A 131 -8.62 -2.50 3.65
N ASN A 132 -8.70 -3.60 4.43
CA ASN A 132 -7.68 -3.92 5.42
C ASN A 132 -6.69 -4.91 4.81
N ILE A 133 -5.52 -4.37 4.44
CA ILE A 133 -4.52 -5.14 3.74
C ILE A 133 -3.71 -5.94 4.75
N PRO A 134 -3.63 -7.29 4.58
CA PRO A 134 -2.92 -8.15 5.53
C PRO A 134 -1.40 -8.18 5.39
N TYR A 135 -0.76 -8.59 6.49
CA TYR A 135 0.62 -8.29 6.82
C TYR A 135 1.56 -8.77 5.72
N LYS A 136 1.26 -9.96 5.18
CA LYS A 136 2.14 -10.66 4.27
C LYS A 136 2.14 -10.01 2.90
N ILE A 137 1.05 -9.28 2.56
CA ILE A 137 0.89 -8.66 1.25
C ILE A 137 0.81 -7.14 1.34
N SER A 138 1.16 -6.56 2.49
CA SER A 138 1.17 -5.10 2.61
C SER A 138 2.08 -4.49 1.53
N SER A 139 3.27 -5.08 1.35
CA SER A 139 4.34 -4.43 0.60
C SER A 139 4.13 -4.57 -0.91
N PRO A 140 4.07 -5.78 -1.48
CA PRO A 140 3.83 -5.93 -2.93
C PRO A 140 2.53 -5.34 -3.46
N PHE A 141 1.49 -5.31 -2.60
CA PHE A 141 0.19 -4.76 -2.92
C PHE A 141 0.31 -3.27 -3.21
N THR A 142 0.70 -2.54 -2.16
CA THR A 142 0.80 -1.09 -2.19
C THR A 142 1.60 -0.64 -3.40
N PHE A 143 2.69 -1.37 -3.71
CA PHE A 143 3.48 -1.12 -4.90
C PHE A 143 2.61 -1.23 -6.15
N LYS A 144 2.07 -2.42 -6.44
CA LYS A 144 1.21 -2.54 -7.59
C LYS A 144 0.23 -1.36 -7.63
N LEU A 145 -0.26 -0.95 -6.45
CA LEU A 145 -1.36 0.00 -6.35
C LEU A 145 -0.92 1.40 -6.78
N LEU A 146 0.39 1.67 -6.74
CA LEU A 146 0.92 2.99 -7.04
C LEU A 146 1.06 3.17 -8.56
N LYS A 147 1.17 2.05 -9.29
CA LYS A 147 1.27 2.10 -10.75
C LYS A 147 -0.12 2.26 -11.36
N THR A 148 -1.15 2.38 -10.50
CA THR A 148 -2.52 2.46 -10.97
C THR A 148 -3.02 3.90 -10.91
N ASP A 149 -4.07 4.15 -11.71
CA ASP A 149 -5.01 5.21 -11.43
C ASP A 149 -5.74 4.90 -10.14
N PHE A 150 -6.05 5.96 -9.41
CA PHE A 150 -7.06 5.88 -8.38
C PHE A 150 -7.27 7.36 -8.08
N GLU A 151 -8.46 7.69 -7.56
CA GLU A 151 -8.71 9.04 -7.08
C GLU A 151 -8.11 8.99 -5.68
N ARG A 152 -8.24 7.86 -4.99
CA ARG A 152 -8.12 7.86 -3.55
C ARG A 152 -7.92 6.44 -3.05
N ALA A 153 -7.29 6.32 -1.87
CA ALA A 153 -7.06 5.04 -1.24
C ALA A 153 -7.06 5.21 0.28
N VAL A 154 -8.08 4.62 0.93
CA VAL A 154 -8.04 4.37 2.37
C VAL A 154 -7.64 2.91 2.56
N VAL A 155 -6.64 2.64 3.39
CA VAL A 155 -6.12 1.28 3.54
C VAL A 155 -5.65 1.10 4.99
N MET A 156 -5.95 -0.08 5.55
CA MET A 156 -5.56 -0.44 6.91
C MET A 156 -4.27 -1.26 6.88
N TYR A 157 -3.43 -1.06 7.89
CA TYR A 157 -2.11 -1.65 7.91
C TYR A 157 -1.67 -1.99 9.34
N GLN A 158 -0.95 -3.11 9.46
CA GLN A 158 -0.02 -3.32 10.55
C GLN A 158 0.76 -2.01 10.77
N LEU A 159 0.68 -1.44 11.98
CA LEU A 159 1.29 -0.14 12.28
C LEU A 159 2.73 0.01 11.78
N GLU A 160 3.58 -1.03 12.00
CA GLU A 160 4.99 -1.00 11.64
C GLU A 160 5.17 -0.59 10.18
N PHE A 161 4.30 -1.11 9.31
CA PHE A 161 4.30 -0.83 7.88
C PHE A 161 3.86 0.60 7.61
N ALA A 162 2.68 0.98 8.15
CA ALA A 162 2.03 2.25 7.83
C ALA A 162 2.86 3.44 8.29
N LEU A 163 3.57 3.29 9.42
CA LEU A 163 4.57 4.26 9.84
C LEU A 163 5.63 4.37 8.76
N ARG A 164 5.97 3.21 8.18
CA ARG A 164 6.96 3.09 7.12
C ARG A 164 6.51 3.89 5.90
N MET A 165 5.21 3.86 5.61
CA MET A 165 4.68 4.58 4.46
C MET A 165 4.88 6.09 4.64
N VAL A 166 4.58 6.58 5.84
CA VAL A 166 4.45 8.00 6.08
C VAL A 166 5.79 8.57 6.57
N ALA A 167 6.79 7.72 6.76
CA ALA A 167 8.10 8.17 7.25
C ALA A 167 8.51 9.43 6.52
N LYS A 168 9.16 10.34 7.25
CA LYS A 168 9.84 11.47 6.66
C LYS A 168 11.16 11.01 6.06
N PRO A 169 11.64 11.62 4.96
CA PRO A 169 13.06 11.51 4.54
C PRO A 169 14.05 11.63 5.66
N GLY A 170 14.98 10.67 5.69
CA GLY A 170 16.12 10.69 6.62
C GLY A 170 15.73 10.09 7.98
N SER A 171 14.48 9.61 8.11
CA SER A 171 14.02 9.02 9.34
C SER A 171 14.45 7.55 9.40
N ARG A 172 14.21 6.93 10.57
CA ARG A 172 14.76 5.63 10.92
C ARG A 172 14.49 4.65 9.79
N ASN A 173 13.26 4.72 9.25
CA ASN A 173 12.60 3.64 8.57
C ASN A 173 12.23 4.01 7.13
N TYR A 174 12.63 5.22 6.68
CA TYR A 174 12.33 5.71 5.34
C TYR A 174 12.73 4.67 4.32
N SER A 175 11.76 4.14 3.57
CA SER A 175 12.03 3.04 2.67
C SER A 175 11.68 3.42 1.23
N ARG A 176 12.17 2.60 0.29
CA ARG A 176 11.77 2.65 -1.10
C ARG A 176 10.27 2.86 -1.20
N LEU A 177 9.52 2.14 -0.37
CA LEU A 177 8.09 2.29 -0.38
C LEU A 177 7.70 3.70 0.01
N SER A 178 8.31 4.26 1.07
CA SER A 178 8.01 5.62 1.50
C SER A 178 8.18 6.60 0.33
N LEU A 179 9.36 6.56 -0.29
CA LEU A 179 9.65 7.39 -1.44
C LEU A 179 8.55 7.25 -2.50
N MET A 180 8.36 6.01 -2.95
CA MET A 180 7.48 5.68 -4.07
C MET A 180 6.06 6.18 -3.81
N ALA A 181 5.59 6.04 -2.56
CA ALA A 181 4.25 6.42 -2.18
C ALA A 181 4.09 7.94 -2.25
N GLN A 182 4.99 8.63 -1.55
CA GLN A 182 4.95 10.08 -1.44
C GLN A 182 5.20 10.73 -2.80
N ALA A 183 6.03 10.10 -3.64
CA ALA A 183 6.23 10.50 -5.04
C ALA A 183 4.90 10.56 -5.81
N LEU A 184 4.00 9.61 -5.56
CA LEU A 184 2.76 9.62 -6.29
C LEU A 184 1.78 10.54 -5.59
N GLY A 185 1.72 10.48 -4.26
CA GLY A 185 0.61 11.10 -3.56
C GLY A 185 0.94 11.65 -2.18
N ASN A 186 -0.11 11.69 -1.37
CA ASN A 186 -0.07 12.30 -0.06
C ASN A 186 -0.60 11.28 0.95
N VAL A 187 0.27 10.93 1.90
CA VAL A 187 0.05 9.75 2.73
C VAL A 187 -0.11 10.18 4.17
N GLU A 188 -1.37 10.18 4.63
CA GLU A 188 -1.72 10.61 5.98
C GLU A 188 -2.15 9.38 6.78
N ILE A 189 -1.67 9.24 8.03
CA ILE A 189 -2.30 8.32 8.97
C ILE A 189 -3.51 9.06 9.56
N VAL A 190 -4.68 8.41 9.57
CA VAL A 190 -5.90 9.03 10.10
C VAL A 190 -6.10 8.61 11.54
N MET A 191 -6.26 7.30 11.80
CA MET A 191 -6.41 6.77 13.14
C MET A 191 -5.53 5.53 13.31
N LYS A 192 -4.80 5.45 14.43
CA LYS A 192 -4.32 4.16 14.90
C LYS A 192 -5.53 3.40 15.43
N ILE A 193 -5.39 2.08 15.47
CA ILE A 193 -6.48 1.17 15.79
C ILE A 193 -5.95 0.10 16.74
N GLY A 194 -6.54 0.02 17.93
CA GLY A 194 -6.18 -0.99 18.92
C GLY A 194 -6.57 -2.39 18.44
N LYS A 195 -5.69 -3.37 18.71
CA LYS A 195 -5.90 -4.76 18.33
C LYS A 195 -7.15 -5.30 19.05
N GLY A 196 -7.63 -4.56 20.06
CA GLY A 196 -8.89 -4.85 20.71
C GLY A 196 -10.09 -4.82 19.78
N ALA A 197 -9.87 -4.46 18.51
CA ALA A 197 -10.92 -4.51 17.50
C ALA A 197 -11.08 -5.80 16.71
N PHE A 198 -10.26 -6.84 17.03
CA PHE A 198 -10.20 -8.04 16.22
C PHE A 198 -10.33 -9.31 17.05
N TYR A 199 -11.09 -10.29 16.56
CA TYR A 199 -10.89 -11.68 16.93
C TYR A 199 -10.40 -12.44 15.71
N PRO A 200 -9.26 -13.18 15.81
CA PRO A 200 -8.37 -13.09 16.97
C PRO A 200 -7.76 -11.70 17.08
N ARG A 201 -7.42 -11.32 18.32
CA ARG A 201 -6.59 -10.16 18.61
C ARG A 201 -5.26 -10.31 17.86
N PRO A 202 -4.88 -9.36 16.96
CA PRO A 202 -3.54 -9.40 16.36
C PRO A 202 -2.41 -9.07 17.32
N LYS A 203 -1.19 -9.36 16.88
CA LYS A 203 0.02 -9.25 17.68
C LYS A 203 0.43 -7.79 17.84
N VAL A 204 0.18 -6.99 16.79
CA VAL A 204 0.52 -5.57 16.72
C VAL A 204 -0.76 -4.78 16.38
N ASP A 205 -0.68 -3.44 16.47
CA ASP A 205 -1.84 -2.58 16.24
C ASP A 205 -2.07 -2.36 14.73
N SER A 206 -3.28 -1.88 14.40
CA SER A 206 -3.65 -1.42 13.07
C SER A 206 -3.48 0.10 12.98
N ALA A 207 -3.40 0.60 11.74
CA ALA A 207 -3.42 2.03 11.47
C ALA A 207 -4.09 2.24 10.12
N LEU A 208 -4.52 3.48 9.87
CA LEU A 208 -5.36 3.79 8.72
C LEU A 208 -4.70 4.87 7.87
N VAL A 209 -4.33 4.51 6.63
CA VAL A 209 -3.55 5.39 5.78
C VAL A 209 -4.45 5.92 4.66
N LEU A 210 -4.31 7.20 4.38
CA LEU A 210 -5.00 7.81 3.26
C LEU A 210 -3.97 8.08 2.16
N ILE A 211 -4.38 7.91 0.90
CA ILE A 211 -3.50 8.20 -0.22
C ILE A 211 -4.27 9.05 -1.22
N GLU A 212 -3.94 10.34 -1.26
CA GLU A 212 -4.41 11.25 -2.28
C GLU A 212 -3.26 11.50 -3.25
N PRO A 213 -3.30 10.97 -4.49
CA PRO A 213 -2.24 11.21 -5.47
C PRO A 213 -2.00 12.67 -5.82
N ARG A 214 -0.71 13.07 -5.83
CA ARG A 214 -0.30 14.43 -6.14
C ARG A 214 -1.03 14.83 -7.42
N LYS A 215 -1.46 16.10 -7.51
CA LYS A 215 -2.11 16.58 -8.71
C LYS A 215 -1.15 16.38 -9.89
N ASP A 216 0.13 16.73 -9.69
CA ASP A 216 1.19 16.34 -10.61
C ASP A 216 2.14 15.39 -9.87
N LYS A 217 2.23 14.16 -10.38
CA LYS A 217 3.07 13.12 -9.81
C LYS A 217 4.53 13.51 -9.99
N ILE A 218 5.41 12.73 -9.37
CA ILE A 218 6.83 12.74 -9.63
C ILE A 218 7.20 11.35 -10.15
N VAL A 219 7.59 11.28 -11.42
CA VAL A 219 7.68 9.99 -12.08
C VAL A 219 9.14 9.52 -12.02
N LEU A 220 9.47 8.70 -11.02
CA LEU A 220 10.84 8.27 -10.88
C LEU A 220 11.09 7.04 -11.75
N ASN A 221 12.34 6.92 -12.23
CA ASN A 221 12.83 5.68 -12.82
C ASN A 221 12.79 4.62 -11.72
N GLU A 222 12.09 3.51 -11.98
CA GLU A 222 11.92 2.44 -11.01
C GLU A 222 13.25 1.75 -10.71
N ASN A 223 14.00 1.44 -11.77
CA ASN A 223 15.26 0.71 -11.65
C ASN A 223 16.25 1.53 -10.84
N LEU A 224 16.35 2.84 -11.14
CA LEU A 224 17.26 3.72 -10.44
C LEU A 224 16.88 3.70 -8.96
N VAL A 225 15.64 4.05 -8.66
CA VAL A 225 15.15 4.05 -7.28
C VAL A 225 15.61 2.78 -6.57
N LYS A 226 15.50 1.63 -7.25
CA LYS A 226 15.81 0.34 -6.66
C LYS A 226 17.32 0.17 -6.46
N ALA A 227 18.11 0.67 -7.42
CA ALA A 227 19.56 0.57 -7.38
C ALA A 227 20.11 1.25 -6.14
N LEU A 228 19.55 2.42 -5.82
CA LEU A 228 20.02 3.27 -4.75
C LEU A 228 19.67 2.64 -3.40
N PHE A 229 18.44 2.11 -3.29
CA PHE A 229 17.87 1.61 -2.05
C PHE A 229 18.25 0.16 -1.77
N GLN A 230 19.22 -0.39 -2.52
CA GLN A 230 19.85 -1.67 -2.17
C GLN A 230 20.42 -1.58 -0.77
N HIS A 231 21.31 -0.61 -0.53
CA HIS A 231 21.76 -0.27 0.81
C HIS A 231 21.48 1.22 1.06
N ARG A 232 20.34 1.48 1.70
CA ARG A 232 19.71 2.79 1.75
C ARG A 232 20.42 3.71 2.73
N ARG A 233 21.31 3.18 3.59
CA ARG A 233 22.13 4.04 4.43
C ARG A 233 23.49 4.30 3.78
N LYS A 234 23.58 4.24 2.45
CA LYS A 234 24.78 4.65 1.72
C LYS A 234 24.65 6.07 1.19
N THR A 235 25.75 6.82 1.19
CA THR A 235 25.80 8.12 0.54
C THR A 235 25.49 7.93 -0.94
N VAL A 236 24.74 8.87 -1.51
CA VAL A 236 24.34 8.81 -2.90
C VAL A 236 25.57 8.50 -3.77
N PRO A 237 26.73 9.14 -3.57
CA PRO A 237 27.88 8.89 -4.43
C PRO A 237 28.30 7.42 -4.41
N ARG A 238 28.15 6.78 -3.25
CA ARG A 238 28.62 5.42 -3.04
C ARG A 238 27.54 4.43 -3.46
N ALA A 239 26.28 4.78 -3.27
CA ALA A 239 25.18 3.93 -3.67
C ALA A 239 25.06 3.89 -5.19
N LEU A 240 25.58 4.93 -5.86
CA LEU A 240 25.73 4.93 -7.31
C LEU A 240 27.01 4.25 -7.79
N LYS A 241 28.14 4.55 -7.16
CA LYS A 241 29.41 3.89 -7.41
C LYS A 241 29.07 2.39 -7.42
N ASP A 242 28.37 1.89 -6.39
CA ASP A 242 28.13 0.46 -6.22
C ASP A 242 27.06 -0.13 -7.14
N SER A 243 26.01 0.64 -7.50
CA SER A 243 25.01 0.19 -8.48
C SER A 243 25.16 1.02 -9.77
N ILE A 244 26.40 1.48 -10.05
CA ILE A 244 26.80 1.82 -11.40
C ILE A 244 27.02 0.38 -11.85
N HIS A 245 26.06 -0.11 -12.63
CA HIS A 245 26.33 -1.18 -13.57
C HIS A 245 27.02 -0.19 -14.49
N MET A 246 28.25 -0.52 -14.90
CA MET A 246 29.03 0.32 -15.79
C MET A 246 28.42 -0.02 -17.15
N LEU A 247 27.26 0.58 -17.42
CA LEU A 247 26.51 0.36 -18.64
C LEU A 247 27.28 1.03 -19.79
N GLY A 248 28.30 0.32 -20.28
CA GLY A 248 29.12 0.73 -21.41
C GLY A 248 29.88 2.04 -21.17
N VAL A 249 30.32 2.27 -19.92
CA VAL A 249 30.88 3.55 -19.50
C VAL A 249 32.20 3.31 -18.75
N SER A 250 33.16 4.24 -18.94
CA SER A 250 34.53 4.10 -18.46
C SER A 250 34.67 4.72 -17.06
N LYS A 251 35.91 4.92 -16.60
CA LYS A 251 36.21 5.05 -15.18
C LYS A 251 36.44 6.52 -14.78
N ASP A 252 37.16 7.26 -15.63
CA ASP A 252 37.53 8.65 -15.35
C ASP A 252 36.31 9.58 -15.52
N GLU A 253 35.33 9.13 -16.30
CA GLU A 253 34.09 9.86 -16.53
C GLU A 253 33.11 9.61 -15.39
N ILE A 254 33.01 8.34 -14.96
CA ILE A 254 32.14 7.96 -13.86
C ILE A 254 32.61 8.63 -12.58
N ARG A 255 33.90 8.50 -12.25
CA ARG A 255 34.40 9.04 -10.99
C ARG A 255 34.52 10.57 -11.12
N GLY A 256 34.19 11.11 -12.29
CA GLY A 256 33.81 12.51 -12.40
C GLY A 256 32.32 12.71 -12.15
N ILE A 257 31.51 12.11 -13.03
CA ILE A 257 30.06 12.08 -12.94
C ILE A 257 29.60 11.82 -11.51
N ILE A 258 30.28 10.91 -10.81
CA ILE A 258 30.06 10.70 -9.39
C ILE A 258 30.02 12.04 -8.66
N ASN A 259 31.08 12.85 -8.81
CA ASN A 259 31.33 14.01 -7.97
C ASN A 259 30.20 15.03 -8.01
N ASN A 260 29.64 15.20 -9.21
CA ASN A 260 28.71 16.29 -9.46
C ASN A 260 27.26 15.80 -9.33
N VAL A 261 27.05 14.50 -9.09
CA VAL A 261 25.69 14.02 -8.91
C VAL A 261 25.06 14.84 -7.79
N PRO A 262 23.89 15.45 -8.05
CA PRO A 262 23.15 16.19 -7.02
C PRO A 262 23.06 15.41 -5.70
N HIS A 263 23.04 16.14 -4.59
CA HIS A 263 22.97 15.55 -3.26
C HIS A 263 24.05 14.47 -3.08
N SER A 264 25.29 14.81 -3.41
CA SER A 264 26.39 13.88 -3.21
C SER A 264 26.81 14.03 -1.75
N ASN A 265 26.09 14.81 -0.95
CA ASN A 265 26.30 14.76 0.49
C ASN A 265 25.53 13.59 1.05
N LYS A 266 24.24 13.52 0.67
CA LYS A 266 23.21 12.82 1.42
C LYS A 266 23.36 11.31 1.32
N ARG A 267 22.94 10.65 2.40
CA ARG A 267 22.64 9.23 2.37
C ARG A 267 21.31 9.05 1.64
N VAL A 268 21.20 7.90 0.95
CA VAL A 268 20.07 7.60 0.08
C VAL A 268 18.76 7.82 0.83
N PHE A 269 18.70 7.40 2.10
CA PHE A 269 17.46 7.38 2.85
C PHE A 269 17.08 8.80 3.32
N GLN A 270 17.92 9.80 2.99
CA GLN A 270 17.62 11.19 3.31
C GLN A 270 17.00 11.90 2.11
N LEU A 271 16.97 11.23 0.95
CA LEU A 271 16.58 11.85 -0.29
C LEU A 271 15.08 12.07 -0.26
N TYR A 272 14.65 13.26 -0.70
CA TYR A 272 13.26 13.53 -1.04
C TYR A 272 13.02 13.09 -2.49
N PRO A 273 11.77 12.84 -2.91
CA PRO A 273 11.48 12.42 -4.28
C PRO A 273 11.93 13.45 -5.30
N GLU A 274 11.63 14.70 -4.97
CA GLU A 274 12.07 15.90 -5.67
C GLU A 274 13.53 15.68 -6.06
N GLU A 275 14.38 15.19 -5.14
CA GLU A 275 15.83 15.11 -5.31
C GLU A 275 16.30 13.85 -6.03
N VAL A 276 15.50 12.77 -5.97
CA VAL A 276 15.72 11.57 -6.76
C VAL A 276 15.58 11.96 -8.23
N LYS A 277 14.67 12.89 -8.51
CA LYS A 277 14.46 13.39 -9.86
C LYS A 277 15.68 14.18 -10.34
N ASP A 278 16.23 15.11 -9.53
CA ASP A 278 17.43 15.85 -9.92
C ASP A 278 18.52 14.89 -10.38
N ILE A 279 18.72 13.84 -9.58
CA ILE A 279 19.72 12.84 -9.87
C ILE A 279 19.33 12.17 -11.17
N GLU A 280 18.05 11.83 -11.27
CA GLU A 280 17.55 11.14 -12.44
C GLU A 280 18.00 11.89 -13.70
N GLU A 281 17.50 13.11 -13.88
CA GLU A 281 17.82 13.90 -15.06
C GLU A 281 19.31 14.20 -15.13
N TYR A 282 19.96 14.52 -14.01
CA TYR A 282 21.41 14.67 -14.01
C TYR A 282 22.03 13.48 -14.74
N LEU A 283 21.69 12.26 -14.29
CA LEU A 283 22.21 11.04 -14.87
C LEU A 283 21.79 10.95 -16.33
N LYS A 284 20.49 11.21 -16.60
CA LYS A 284 19.97 11.17 -17.95
C LYS A 284 20.81 12.10 -18.83
N LYS A 285 21.02 13.33 -18.38
CA LYS A 285 21.67 14.34 -19.21
C LYS A 285 23.17 14.07 -19.33
N HIS A 286 23.65 12.95 -18.77
CA HIS A 286 25.05 12.56 -18.86
C HIS A 286 25.24 11.28 -19.66
N GLY A 287 24.13 10.74 -20.19
CA GLY A 287 24.14 9.54 -21.01
C GLY A 287 23.87 8.21 -20.33
N ILE A 288 23.67 8.24 -19.00
CA ILE A 288 23.55 7.02 -18.21
C ILE A 288 22.36 6.12 -17.95
N ILE A 289 21.11 6.60 -18.11
CA ILE A 289 20.03 5.64 -18.20
C ILE A 289 19.33 6.61 -19.15
N SER A 290 18.84 6.07 -20.28
CA SER A 290 18.04 6.78 -21.26
C SER A 290 18.55 8.22 -21.44
CS MTA B . -9.50 -8.56 6.60
S5' MTA B . -9.51 -10.03 7.62
C5' MTA B . -8.32 -11.07 6.75
C4' MTA B . -8.86 -11.61 5.45
O4' MTA B . -7.89 -11.42 4.40
C2' MTA B . -8.15 -13.72 4.53
O2' MTA B . -8.59 -14.86 3.84
C3' MTA B . -9.21 -13.10 5.47
O3' MTA B . -10.53 -13.33 4.98
C1' MTA B . -7.92 -12.56 3.58
N9 MTA B . -6.67 -12.66 2.84
C8 MTA B . -5.44 -13.01 3.33
N7 MTA B . -4.51 -13.05 2.42
C5 MTA B . -5.16 -12.72 1.24
C6 MTA B . -4.71 -12.58 -0.09
N6 MTA B . -3.44 -12.78 -0.47
N1 MTA B . -5.63 -12.24 -1.02
C2 MTA B . -6.90 -12.05 -0.64
N3 MTA B . -7.43 -12.14 0.58
C4 MTA B . -6.50 -12.49 1.48
ZN ZN C . 23.99 -1.52 3.69
#